data_2YHX
#
_entry.id   2YHX
#
_cell.length_a   166.500
_cell.length_b   59.200
_cell.length_c   58.500
_cell.angle_alpha   90.00
_cell.angle_beta   90.00
_cell.angle_gamma   90.00
#
_symmetry.space_group_name_H-M   'P 21 21 21'
#
loop_
_entity.id
_entity.type
_entity.pdbx_description
1 polymer 'HEXOKINASE B'
2 non-polymer 2-deoxy-2-{[(2-methylphenyl)carbonyl]amino}-alpha-D-glucopyranose
#
_entity_poly.entity_id   1
_entity_poly.type   'polypeptide(L)'
_entity_poly.pdbx_seq_one_letter_code
;AAA(UNK)D(UNK)SLVEVH(UNK)(UNK)VFIVPP(UNK)ILQAVVSILTTR(UNK)DD(UNK)DSSAASIPMVPGWVL
KQVSGAQAGSFLAIVMGGGDLEVILISLAGRQESSI(UNK)ASRSLAAAMSTTAIPSDLWGN(UNK)A(UNK)SNAAFSS
(UNK)EFSS(UNK)AGSVPLGFTF(UNK)EAGAKE(UNK)VIKGQIT(UNK)QA(UNK)AFSLA(UNK)L(UNK)KLISA
M(UNK)NA(UNK)FPAGD(UNK)(UNK)(UNK)SVADI(UNK)DSHGIL(UNK)(UNK)VNYTDA(UNK)IKMGIIFGSG
VNAAYWCDST(UNK)IGDAADGG(UNK)(UNK)GGAG(UNK)M(UNK)ICCDQSSFRKAFPSLPQI(UNK)YL(UNK)TL
N(UNK)(UNK)SP(UNK)A(UNK)KTF(UNK)KNS(UNK)AKN(UNK)GQSLRDVLM(UNK)FK(UNK)(UNK)GQ
(UNK)H(UNK)(UNK)(UNK)A(UNK)SF(UNK)AANVENTSYPAKIQKLPHFDLR(UNK)(UNK)(UNK)DLF(UNK)G
DQGIA(UNK)KT(UNK)MK(UNK)VVRR(UNK)LFLIAAYAFRLVVC(UNK)I(UNK)AICQKKGYSSGHIAA(UNK)GS
(UNK)RSYSGFS(UNK)NSAT(UNK)N(UNK)NIYGWPQSA(UNK)(UNK)SKPI(UNK)ITPAIDG(UNK)GAAS
(UNK)VI(UNK)SIASA(UNK)(UNK)S(UNK)A(UNK)(UNK)SA(UNK)(UNK)A
;
_entity_poly.pdbx_strand_id   A
#
loop_
_chem_comp.id
_chem_comp.type
_chem_comp.name
_chem_comp.formula
OTG D-saccharide, alpha linking 2-deoxy-2-{[(2-methylphenyl)carbonyl]amino}-alpha-D-glucopyranose 'C14 H19 N O6'
#
# COMPACT_ATOMS: atom_id res chain seq x y z
N ALA A 1 33.59 13.28 7.97
CA ALA A 1 34.32 13.86 9.09
C ALA A 1 35.83 13.90 8.75
N ALA A 2 36.46 12.78 9.11
CA ALA A 2 37.92 12.51 8.88
C ALA A 2 38.11 11.41 7.70
N ALA A 3 39.06 11.71 6.86
CA ALA A 3 39.47 10.89 5.58
C ALA A 3 39.03 9.36 5.55
N UNK A 4 39.46 8.63 6.55
CA UNK A 4 39.13 7.19 6.71
C UNK A 4 37.61 7.04 6.59
N ASP A 5 36.98 7.99 7.25
CA ASP A 5 35.53 8.10 7.36
C ASP A 5 34.87 8.60 6.15
N UNK A 6 35.48 9.57 5.47
CA UNK A 6 34.80 10.10 4.32
C UNK A 6 34.79 9.03 3.24
N SER A 7 35.88 8.28 3.17
CA SER A 7 36.03 7.16 2.21
C SER A 7 34.86 6.19 2.36
N LEU A 8 34.72 5.69 3.58
CA LEU A 8 33.67 4.73 3.95
C LEU A 8 32.29 5.31 3.59
N VAL A 9 32.16 6.64 3.77
CA VAL A 9 30.89 7.33 3.43
C VAL A 9 30.67 7.30 1.89
N GLU A 10 31.70 7.62 1.11
CA GLU A 10 31.51 7.58 -0.36
C GLU A 10 31.25 6.18 -0.83
N VAL A 11 31.68 5.13 -0.10
CA VAL A 11 31.39 3.87 -0.68
C VAL A 11 29.95 3.52 -0.39
N HIS A 12 29.41 3.96 0.75
CA HIS A 12 27.97 3.69 1.01
C HIS A 12 27.15 4.51 -0.05
N UNK A 13 27.78 5.58 -0.55
CA UNK A 13 27.14 6.43 -1.60
C UNK A 13 27.07 5.61 -2.91
N UNK A 14 28.05 4.71 -3.07
CA UNK A 14 28.07 3.83 -4.25
C UNK A 14 26.99 2.71 -4.09
N VAL A 15 26.90 2.16 -2.91
CA VAL A 15 25.96 1.08 -2.65
C VAL A 15 24.45 1.51 -2.78
N PHE A 16 24.09 2.59 -2.11
CA PHE A 16 22.64 3.01 -2.05
C PHE A 16 22.23 4.08 -3.10
N ILE A 17 23.18 4.50 -3.92
CA ILE A 17 22.87 5.50 -5.02
C ILE A 17 22.35 4.73 -6.24
N VAL A 18 21.17 5.16 -6.65
CA VAL A 18 20.41 4.57 -7.74
C VAL A 18 20.14 5.63 -8.82
N PRO A 19 20.86 5.59 -9.94
CA PRO A 19 20.72 6.56 -11.05
C PRO A 19 19.61 6.21 -12.01
N PRO A 20 18.93 7.25 -12.67
CA PRO A 20 17.87 7.05 -13.70
C PRO A 20 18.15 5.89 -14.56
N UNK A 21 19.39 5.67 -14.98
CA UNK A 21 19.60 4.56 -15.83
C UNK A 21 19.13 3.31 -15.13
N ILE A 22 19.44 3.17 -13.86
CA ILE A 22 19.00 1.95 -13.18
C ILE A 22 17.49 1.93 -13.12
N LEU A 23 16.94 3.09 -12.72
CA LEU A 23 15.49 3.27 -12.57
C LEU A 23 14.78 3.01 -13.90
N GLN A 24 15.43 3.41 -14.98
CA GLN A 24 14.85 3.21 -16.31
C GLN A 24 14.85 1.73 -16.63
N ALA A 25 15.94 1.06 -16.29
CA ALA A 25 16.05 -0.39 -16.54
C ALA A 25 14.95 -1.16 -15.77
N VAL A 26 14.79 -0.83 -14.53
CA VAL A 26 13.82 -1.43 -13.69
C VAL A 26 12.38 -1.17 -14.24
N VAL A 27 12.10 0.07 -14.54
CA VAL A 27 10.77 0.48 -15.02
C VAL A 27 10.33 -0.34 -16.28
N SER A 28 11.33 -0.57 -17.11
CA SER A 28 11.24 -1.28 -18.41
C SER A 28 10.87 -2.75 -18.25
N ILE A 29 11.47 -3.44 -17.30
CA ILE A 29 11.10 -4.82 -17.13
C ILE A 29 9.82 -4.86 -16.30
N LEU A 30 9.54 -3.76 -15.64
CA LEU A 30 8.30 -3.62 -14.86
C LEU A 30 7.13 -3.67 -15.90
N THR A 31 7.27 -2.86 -16.98
CA THR A 31 6.19 -2.81 -18.07
C THR A 31 5.82 -4.22 -18.55
N THR A 32 6.86 -4.94 -18.81
CA THR A 32 6.85 -6.25 -19.27
C THR A 32 6.24 -7.19 -18.25
N ARG A 33 6.71 -7.12 -17.02
CA ARG A 33 6.19 -8.02 -16.01
C ARG A 33 4.68 -7.81 -15.89
N UNK A 34 4.30 -6.55 -15.94
CA UNK A 34 2.86 -6.11 -15.87
C UNK A 34 2.05 -6.84 -16.91
N ASP A 35 2.57 -6.75 -18.15
CA ASP A 35 1.99 -7.42 -19.31
C ASP A 35 1.88 -8.91 -18.97
N ASP A 36 3.01 -9.48 -18.63
CA ASP A 36 3.14 -10.89 -18.24
C ASP A 36 1.97 -11.37 -17.36
N UNK A 37 1.65 -10.57 -16.39
CA UNK A 37 0.67 -10.93 -15.39
C UNK A 37 -0.76 -10.75 -15.88
N ASP A 38 -0.93 -9.98 -16.93
CA ASP A 38 -2.33 -9.75 -17.52
C ASP A 38 -2.66 -10.92 -18.53
N SER A 39 -1.59 -11.44 -19.07
CA SER A 39 -1.56 -12.59 -20.03
C SER A 39 -2.06 -13.85 -19.36
N SER A 40 -2.08 -14.97 -20.17
CA SER A 40 -2.42 -16.20 -19.56
C SER A 40 -1.22 -16.78 -18.83
N ALA A 41 -0.99 -16.14 -17.71
CA ALA A 41 0.05 -16.48 -16.71
C ALA A 41 0.76 -15.20 -16.30
N ALA A 42 1.89 -15.35 -15.63
CA ALA A 42 2.71 -14.13 -15.20
C ALA A 42 2.85 -14.03 -13.64
N SER A 43 4.02 -13.53 -13.21
CA SER A 43 4.41 -13.41 -11.71
C SER A 43 3.76 -12.21 -10.90
N ILE A 44 3.25 -11.20 -11.57
CA ILE A 44 2.53 -10.12 -10.81
C ILE A 44 1.08 -10.55 -10.84
N PRO A 45 0.40 -10.71 -9.73
CA PRO A 45 -0.93 -11.21 -9.70
C PRO A 45 -1.82 -10.52 -10.72
N MET A 46 -1.77 -9.20 -10.71
CA MET A 46 -2.64 -8.34 -11.61
C MET A 46 -4.06 -8.89 -11.61
N VAL A 47 -4.62 -8.88 -10.41
CA VAL A 47 -5.98 -9.38 -10.17
C VAL A 47 -7.03 -8.30 -10.43
N PRO A 48 -7.99 -8.57 -11.35
CA PRO A 48 -9.07 -7.63 -11.67
C PRO A 48 -9.81 -7.24 -10.40
N GLY A 49 -10.13 -5.96 -10.32
CA GLY A 49 -10.85 -5.40 -9.18
C GLY A 49 -12.35 -5.59 -9.34
N TRP A 50 -12.74 -5.78 -10.58
CA TRP A 50 -14.12 -5.98 -10.96
C TRP A 50 -14.87 -4.69 -10.82
N VAL A 51 -14.15 -3.59 -11.09
CA VAL A 51 -14.78 -2.26 -11.14
C VAL A 51 -14.72 -1.84 -12.64
N LEU A 52 -15.81 -2.21 -13.24
CA LEU A 52 -16.10 -2.09 -14.59
C LEU A 52 -16.49 -0.63 -14.99
N LYS A 53 -16.73 0.22 -14.02
CA LYS A 53 -17.15 1.62 -14.33
C LYS A 53 -16.30 2.67 -13.76
N GLN A 54 -16.21 3.79 -14.56
CA GLN A 54 -15.53 4.93 -14.09
C GLN A 54 -16.43 5.36 -12.91
N VAL A 55 -16.75 6.58 -12.80
CA VAL A 55 -17.60 7.09 -11.66
C VAL A 55 -17.71 8.56 -11.92
N SER A 56 -18.85 9.12 -11.59
CA SER A 56 -19.15 10.48 -12.01
C SER A 56 -18.86 11.65 -11.07
N GLY A 57 -19.10 11.46 -9.81
CA GLY A 57 -19.01 12.51 -8.85
C GLY A 57 -20.45 12.96 -8.68
N ALA A 58 -21.33 12.35 -9.50
CA ALA A 58 -22.77 12.68 -9.46
C ALA A 58 -23.56 11.56 -8.74
N GLN A 59 -22.80 10.55 -8.27
CA GLN A 59 -23.39 9.40 -7.48
C GLN A 59 -23.70 9.97 -6.06
N ALA A 60 -24.89 9.61 -5.58
CA ALA A 60 -25.42 10.13 -4.26
C ALA A 60 -26.01 9.04 -3.39
N GLY A 61 -26.04 9.31 -2.08
CA GLY A 61 -26.64 8.33 -1.15
C GLY A 61 -25.73 7.96 0.02
N SER A 62 -26.34 7.16 0.90
CA SER A 62 -25.72 6.66 2.12
C SER A 62 -25.17 5.26 1.86
N PHE A 63 -23.89 5.08 2.20
CA PHE A 63 -23.22 3.81 2.00
C PHE A 63 -22.33 3.47 3.18
N LEU A 64 -22.28 2.18 3.43
CA LEU A 64 -21.54 1.60 4.53
C LEU A 64 -20.25 0.97 4.05
N ALA A 65 -19.26 1.05 4.93
CA ALA A 65 -17.97 0.42 4.68
C ALA A 65 -17.23 0.08 5.94
N ILE A 66 -16.50 -1.03 5.81
CA ILE A 66 -15.64 -1.51 6.86
C ILE A 66 -14.36 -2.08 6.29
N VAL A 67 -13.42 -2.06 7.20
CA VAL A 67 -12.12 -2.55 7.05
C VAL A 67 -11.64 -3.00 8.38
N MET A 68 -11.12 -4.16 8.52
CA MET A 68 -10.56 -4.40 9.81
C MET A 68 -9.20 -5.04 9.62
N GLY A 69 -8.39 -4.85 10.61
CA GLY A 69 -7.04 -5.44 10.66
C GLY A 69 -6.81 -5.91 12.05
N GLY A 70 -5.60 -6.19 12.40
CA GLY A 70 -5.38 -6.56 13.72
C GLY A 70 -5.66 -5.30 14.50
N GLY A 71 -6.46 -5.38 15.52
CA GLY A 71 -6.67 -4.20 16.34
C GLY A 71 -8.03 -3.60 16.25
N ASP A 72 -8.39 -3.14 15.07
CA ASP A 72 -9.64 -2.45 14.93
C ASP A 72 -10.40 -2.75 13.64
N LEU A 73 -11.65 -2.37 13.72
CA LEU A 73 -12.56 -2.43 12.69
C LEU A 73 -13.10 -0.98 12.66
N GLU A 74 -13.05 -0.42 11.50
CA GLU A 74 -13.51 0.86 11.23
C GLU A 74 -14.79 0.69 10.49
N VAL A 75 -15.85 1.25 11.00
CA VAL A 75 -17.06 1.22 10.25
C VAL A 75 -17.33 2.68 9.89
N ILE A 76 -17.51 2.88 8.60
CA ILE A 76 -17.73 4.14 8.07
C ILE A 76 -19.02 4.20 7.30
N LEU A 77 -19.76 5.25 7.63
CA LEU A 77 -20.98 5.58 6.95
C LEU A 77 -20.69 6.77 6.07
N ILE A 78 -20.83 6.64 4.75
CA ILE A 78 -20.54 7.79 3.99
C ILE A 78 -21.71 8.20 3.08
N SER A 79 -21.84 9.53 3.11
CA SER A 79 -22.83 10.33 2.39
C SER A 79 -22.21 10.90 1.10
N LEU A 80 -22.67 10.35 0.01
CA LEU A 80 -22.22 10.68 -1.40
C LEU A 80 -23.11 11.71 -2.06
N ALA A 81 -22.52 12.64 -2.85
CA ALA A 81 -23.39 13.69 -3.55
C ALA A 81 -22.67 14.62 -4.58
N GLY A 82 -23.02 14.46 -5.84
CA GLY A 82 -22.47 15.30 -6.97
C GLY A 82 -20.99 15.95 -6.56
N ARG A 83 -20.05 15.05 -6.70
CA ARG A 83 -18.43 15.09 -6.49
C ARG A 83 -17.82 15.33 -5.01
N GLN A 84 -18.62 15.35 -4.02
CA GLN A 84 -18.19 15.53 -2.65
C GLN A 84 -18.78 14.36 -1.84
N GLU A 85 -18.19 14.14 -0.65
CA GLU A 85 -18.65 13.05 0.30
C GLU A 85 -18.38 13.38 1.80
N SER A 86 -19.35 12.97 2.61
CA SER A 86 -19.28 13.08 4.10
C SER A 86 -19.35 11.67 4.73
N SER A 87 -18.33 11.41 5.48
CA SER A 87 -18.13 10.20 6.16
C SER A 87 -18.27 10.43 7.63
N ILE A 88 -18.65 9.40 8.33
CA ILE A 88 -18.68 9.44 9.81
C ILE A 88 -18.31 8.05 10.24
N UNK A 89 -17.47 7.95 11.27
CA UNK A 89 -17.04 6.68 11.65
C UNK A 89 -16.89 6.46 13.13
N ALA A 90 -16.61 5.18 13.35
CA ALA A 90 -16.34 4.56 14.61
C ALA A 90 -15.42 3.37 14.37
N SER A 91 -14.66 3.09 15.40
CA SER A 91 -13.71 1.98 15.47
C SER A 91 -14.04 1.10 16.64
N ARG A 92 -13.78 -0.18 16.44
CA ARG A 92 -13.92 -1.19 17.52
C ARG A 92 -12.71 -2.10 17.51
N SER A 93 -12.12 -2.23 18.67
CA SER A 93 -10.93 -3.03 18.90
C SER A 93 -11.28 -4.52 19.00
N LEU A 94 -10.55 -5.28 18.23
CA LEU A 94 -10.66 -6.69 18.18
C LEU A 94 -10.54 -7.26 19.59
N ALA A 95 -11.59 -7.91 20.02
CA ALA A 95 -11.59 -8.56 21.29
C ALA A 95 -10.28 -9.31 21.42
N ALA A 96 -9.40 -8.87 22.31
CA ALA A 96 -8.18 -9.64 22.50
C ALA A 96 -8.63 -11.06 22.41
N ALA A 97 -7.81 -11.92 21.90
CA ALA A 97 -8.19 -13.33 21.78
C ALA A 97 -8.81 -13.65 20.39
N MET A 98 -9.09 -12.61 19.62
CA MET A 98 -9.59 -12.79 18.22
C MET A 98 -8.34 -12.72 17.36
N SER A 99 -8.20 -13.67 16.48
CA SER A 99 -6.98 -13.76 15.63
C SER A 99 -6.52 -15.15 15.72
N THR A 100 -6.79 -15.64 16.94
CA THR A 100 -6.54 -16.94 17.32
C THR A 100 -7.70 -17.49 18.10
N THR A 101 -8.85 -17.55 17.42
CA THR A 101 -10.00 -18.16 17.98
C THR A 101 -10.19 -19.46 17.21
N ALA A 102 -10.61 -20.44 17.94
CA ALA A 102 -10.90 -21.68 17.47
C ALA A 102 -12.18 -21.59 16.74
N ILE A 103 -13.11 -20.69 17.18
CA ILE A 103 -14.33 -20.68 16.48
C ILE A 103 -14.50 -19.45 15.57
N PRO A 104 -14.86 -19.74 14.33
CA PRO A 104 -15.02 -18.79 13.28
C PRO A 104 -16.26 -17.96 13.45
N SER A 105 -17.30 -18.52 13.96
CA SER A 105 -18.44 -17.76 14.14
C SER A 105 -18.08 -16.50 14.91
N ASP A 106 -17.04 -16.61 15.72
CA ASP A 106 -16.70 -15.49 16.59
C ASP A 106 -16.36 -14.20 15.85
N LEU A 107 -15.53 -14.29 14.86
CA LEU A 107 -15.09 -13.08 14.12
C LEU A 107 -16.30 -12.25 13.56
N TRP A 108 -17.09 -12.95 12.78
CA TRP A 108 -18.28 -12.41 12.05
C TRP A 108 -19.36 -11.94 13.03
N GLY A 109 -19.46 -12.66 14.14
CA GLY A 109 -20.42 -12.32 15.20
C GLY A 109 -20.05 -10.94 15.72
N ASN A 110 -18.74 -10.75 15.82
CA ASN A 110 -18.13 -9.53 16.27
C ASN A 110 -18.47 -8.35 15.34
N UNK A 111 -18.21 -8.50 14.06
CA UNK A 111 -18.49 -7.38 13.09
C UNK A 111 -19.98 -7.10 12.89
N ALA A 112 -20.80 -8.06 13.24
CA ALA A 112 -22.24 -7.95 13.03
C ALA A 112 -22.91 -7.20 14.18
N UNK A 113 -22.38 -7.34 15.38
CA UNK A 113 -22.96 -6.62 16.54
C UNK A 113 -22.44 -5.19 16.55
N SER A 114 -21.19 -5.01 16.14
CA SER A 114 -20.58 -3.65 16.08
C SER A 114 -21.43 -2.82 15.10
N ASN A 115 -21.74 -3.51 13.99
CA ASN A 115 -22.61 -2.97 12.89
C ASN A 115 -23.97 -2.59 13.47
N ALA A 116 -24.56 -3.55 14.18
CA ALA A 116 -25.86 -3.35 14.84
C ALA A 116 -25.79 -2.06 15.72
N ALA A 117 -24.70 -1.95 16.46
CA ALA A 117 -24.45 -0.81 17.40
C ALA A 117 -24.36 0.54 16.65
N PHE A 118 -23.59 0.56 15.60
CA PHE A 118 -23.38 1.78 14.78
C PHE A 118 -24.71 2.26 14.15
N SER A 119 -25.48 1.32 13.64
CA SER A 119 -26.75 1.67 12.98
C SER A 119 -27.72 2.22 13.98
N SER A 120 -27.80 1.55 15.11
CA SER A 120 -28.70 1.94 16.15
C SER A 120 -28.30 3.36 16.64
N UNK A 121 -27.04 3.66 16.48
CA UNK A 121 -26.45 4.97 16.87
C UNK A 121 -26.75 6.03 15.82
N GLU A 122 -26.58 5.59 14.60
CA GLU A 122 -26.74 6.38 13.42
C GLU A 122 -28.17 6.53 13.00
N PHE A 123 -28.95 5.46 12.95
CA PHE A 123 -30.33 5.63 12.46
C PHE A 123 -31.33 5.59 13.58
N SER A 124 -31.47 4.53 14.25
CA SER A 124 -32.46 4.48 15.32
C SER A 124 -33.85 4.38 14.75
N SER A 125 -33.82 4.15 13.47
CA SER A 125 -34.96 3.93 12.60
C SER A 125 -34.32 3.47 11.25
N UNK A 126 -34.69 4.13 10.19
CA UNK A 126 -34.11 3.83 8.69
C UNK A 126 -34.86 2.69 7.96
N ALA A 127 -35.23 3.00 6.70
CA ALA A 127 -36.15 2.10 5.81
C ALA A 127 -35.79 2.04 4.29
N GLY A 128 -35.16 0.97 3.92
CA GLY A 128 -34.64 0.73 2.55
C GLY A 128 -33.63 -0.36 2.70
N SER A 129 -32.54 -0.01 3.36
CA SER A 129 -31.43 -1.03 3.68
C SER A 129 -30.19 -0.68 2.78
N VAL A 130 -29.08 -0.46 3.45
CA VAL A 130 -27.93 0.08 2.80
C VAL A 130 -26.81 -0.90 2.49
N PRO A 131 -26.18 -0.67 1.29
CA PRO A 131 -25.07 -1.48 0.73
C PRO A 131 -23.86 -1.23 1.49
N LEU A 132 -23.06 -2.27 1.62
CA LEU A 132 -21.84 -2.19 2.35
C LEU A 132 -20.68 -2.67 1.49
N GLY A 133 -19.56 -2.02 1.73
CA GLY A 133 -18.29 -2.33 1.07
C GLY A 133 -17.27 -2.75 2.16
N PHE A 134 -16.75 -3.93 1.99
CA PHE A 134 -15.78 -4.53 2.94
C PHE A 134 -14.38 -4.49 2.40
N THR A 135 -13.50 -3.65 2.93
CA THR A 135 -12.18 -3.74 2.40
C THR A 135 -11.46 -4.75 3.34
N PHE A 136 -11.09 -5.80 2.65
CA PHE A 136 -10.45 -6.98 3.14
C PHE A 136 -9.10 -7.16 2.54
N UNK A 137 -8.13 -6.51 3.13
CA UNK A 137 -6.76 -6.62 2.68
C UNK A 137 -6.22 -7.86 3.29
N GLU A 138 -6.15 -8.94 2.46
CA GLU A 138 -5.68 -10.21 2.99
C GLU A 138 -5.35 -11.30 1.92
N ALA A 139 -6.32 -11.62 1.08
CA ALA A 139 -6.14 -12.69 0.01
C ALA A 139 -7.22 -12.54 -1.05
N GLY A 140 -6.74 -12.60 -2.30
CA GLY A 140 -7.61 -12.48 -3.48
C GLY A 140 -8.61 -13.60 -3.49
N ALA A 141 -9.12 -13.85 -4.66
CA ALA A 141 -10.07 -14.80 -4.83
C ALA A 141 -11.40 -14.14 -4.97
N LYS A 142 -11.39 -13.09 -5.83
CA LYS A 142 -12.60 -12.50 -6.23
C LYS A 142 -12.83 -12.88 -7.70
N GLU A 143 -13.90 -13.58 -7.81
CA GLU A 143 -14.52 -14.09 -8.98
C GLU A 143 -15.46 -12.97 -9.46
N UNK A 144 -15.98 -12.29 -8.45
CA UNK A 144 -16.89 -11.19 -8.61
C UNK A 144 -16.68 -10.25 -7.42
N VAL A 145 -17.26 -9.07 -7.50
CA VAL A 145 -17.13 -8.04 -6.42
C VAL A 145 -17.76 -8.45 -5.09
N ILE A 146 -18.84 -9.10 -5.26
CA ILE A 146 -19.75 -9.58 -4.26
C ILE A 146 -19.14 -10.84 -3.59
N LYS A 147 -18.00 -11.20 -4.14
CA LYS A 147 -17.18 -12.42 -3.75
C LYS A 147 -16.18 -12.13 -2.62
N GLY A 148 -15.06 -12.89 -2.69
CA GLY A 148 -13.92 -12.72 -1.73
C GLY A 148 -13.62 -14.00 -0.88
N GLN A 149 -12.53 -14.67 -1.25
CA GLN A 149 -12.07 -15.97 -0.51
C GLN A 149 -10.69 -15.79 0.12
N ILE A 150 -10.58 -16.12 1.41
CA ILE A 150 -9.26 -15.97 2.12
C ILE A 150 -8.21 -16.95 1.53
N THR A 151 -7.18 -16.37 0.99
CA THR A 151 -6.15 -17.09 0.39
C THR A 151 -5.20 -17.60 1.46
N UNK A 152 -5.01 -16.73 2.44
CA UNK A 152 -4.05 -16.92 3.54
C UNK A 152 -4.15 -15.76 4.50
N GLN A 153 -4.19 -16.03 5.78
CA GLN A 153 -4.29 -14.94 6.75
C GLN A 153 -2.95 -14.18 6.89
N ALA A 154 -3.07 -12.89 6.76
CA ALA A 154 -1.98 -11.93 6.95
C ALA A 154 -2.22 -11.27 8.32
N UNK A 155 -1.69 -10.10 8.49
CA UNK A 155 -1.92 -9.29 9.70
C UNK A 155 -1.82 -10.09 11.03
N ALA A 156 -1.60 -11.36 10.93
CA ALA A 156 -1.40 -12.20 12.12
C ALA A 156 -2.69 -12.82 12.73
N PHE A 157 -3.62 -13.19 11.91
CA PHE A 157 -4.80 -13.91 12.41
C PHE A 157 -4.49 -15.39 12.15
N SER A 158 -5.32 -16.22 12.63
CA SER A 158 -5.23 -17.68 12.44
C SER A 158 -6.43 -18.26 13.09
N LEU A 159 -7.44 -18.28 12.33
CA LEU A 159 -8.63 -18.70 12.68
C LEU A 159 -8.92 -19.82 11.73
N ALA A 160 -9.27 -20.90 12.35
CA ALA A 160 -9.59 -22.12 11.75
C ALA A 160 -10.78 -22.02 10.80
N UNK A 161 -10.60 -22.75 9.73
CA UNK A 161 -11.58 -22.97 8.63
C UNK A 161 -12.21 -21.72 8.00
N LEU A 162 -11.43 -21.04 7.14
CA LEU A 162 -11.95 -19.86 6.46
C LEU A 162 -11.72 -19.92 4.93
N UNK A 163 -10.48 -20.08 4.48
CA UNK A 163 -10.20 -20.12 2.95
C UNK A 163 -11.56 -20.34 2.16
N LYS A 164 -12.55 -19.72 2.70
CA LYS A 164 -13.90 -19.71 2.25
C LYS A 164 -14.21 -18.31 1.84
N LEU A 165 -15.38 -18.14 1.29
CA LEU A 165 -15.86 -16.84 0.89
C LEU A 165 -16.34 -16.18 2.24
N ILE A 166 -15.61 -15.21 2.62
CA ILE A 166 -15.73 -14.44 3.81
C ILE A 166 -17.09 -13.65 3.84
N SER A 167 -17.61 -13.49 2.67
CA SER A 167 -18.83 -12.72 2.40
C SER A 167 -20.10 -13.37 2.94
N ALA A 168 -20.36 -14.57 2.53
CA ALA A 168 -21.54 -15.28 2.97
C ALA A 168 -21.43 -15.46 4.50
N MET A 169 -20.18 -15.47 4.94
CA MET A 169 -19.77 -15.64 6.37
C MET A 169 -20.30 -14.53 7.27
N UNK A 170 -20.23 -13.30 6.74
CA UNK A 170 -20.67 -12.12 7.49
C UNK A 170 -22.16 -11.82 7.32
N ASN A 171 -22.70 -11.87 6.10
CA ASN A 171 -24.13 -11.51 5.96
C ASN A 171 -24.95 -12.41 6.86
N ALA A 172 -24.66 -13.67 6.83
CA ALA A 172 -25.35 -14.61 7.65
C ALA A 172 -25.58 -14.05 9.03
N UNK A 173 -24.51 -13.55 9.64
CA UNK A 173 -24.64 -13.09 10.97
C UNK A 173 -25.43 -11.78 10.95
N PHE A 174 -25.60 -11.19 9.75
CA PHE A 174 -26.46 -9.92 9.65
C PHE A 174 -27.97 -10.28 9.77
N PRO A 175 -28.59 -10.94 8.76
CA PRO A 175 -29.97 -11.33 8.83
C PRO A 175 -30.31 -11.64 10.22
N ALA A 176 -29.57 -12.61 10.73
CA ALA A 176 -29.73 -13.11 12.04
C ALA A 176 -30.08 -11.97 12.97
N GLY A 177 -29.39 -10.87 12.79
CA GLY A 177 -29.58 -9.68 13.62
C GLY A 177 -30.43 -8.58 12.92
N ASP A 178 -30.27 -8.56 11.57
CA ASP A 178 -30.99 -7.60 10.63
C ASP A 178 -30.38 -6.24 10.17
N UNK A 179 -30.67 -5.97 8.89
CA UNK A 179 -30.55 -4.55 8.35
C UNK A 179 -29.67 -4.08 7.14
N UNK A 180 -28.68 -4.79 6.68
CA UNK A 180 -27.87 -4.24 5.43
C UNK A 180 -27.39 -5.35 4.52
N UNK A 181 -26.76 -4.92 3.39
CA UNK A 181 -26.29 -5.89 2.35
C UNK A 181 -24.88 -5.65 1.81
N SER A 182 -24.07 -6.71 1.97
CA SER A 182 -22.65 -6.74 1.50
C SER A 182 -22.66 -6.92 -0.03
N VAL A 183 -22.40 -5.83 -0.72
CA VAL A 183 -22.44 -5.79 -2.17
C VAL A 183 -21.06 -5.79 -2.82
N ALA A 184 -20.02 -5.64 -2.02
CA ALA A 184 -18.62 -5.64 -2.58
C ALA A 184 -17.53 -5.87 -1.54
N ASP A 185 -16.61 -6.74 -1.93
CA ASP A 185 -15.42 -7.08 -1.11
C ASP A 185 -14.20 -6.60 -1.91
N ILE A 186 -13.37 -5.75 -1.27
CA ILE A 186 -12.21 -5.17 -2.01
C ILE A 186 -10.89 -5.00 -1.23
N UNK A 187 -9.93 -4.51 -2.03
CA UNK A 187 -8.54 -4.22 -1.60
C UNK A 187 -8.37 -2.72 -1.41
N ASP A 188 -7.51 -2.39 -0.46
CA ASP A 188 -7.25 -1.01 -0.10
C ASP A 188 -6.74 -0.18 -1.25
N SER A 189 -5.96 -0.79 -2.12
CA SER A 189 -5.37 -0.05 -3.27
C SER A 189 -6.49 0.34 -4.27
N HIS A 190 -7.45 -0.59 -4.42
CA HIS A 190 -8.64 -0.38 -5.32
C HIS A 190 -9.45 0.79 -4.81
N GLY A 191 -9.71 0.73 -3.52
CA GLY A 191 -10.42 1.70 -2.85
C GLY A 191 -9.86 3.02 -3.08
N ILE A 192 -8.51 3.16 -3.11
CA ILE A 192 -8.07 4.51 -3.22
C ILE A 192 -8.02 5.01 -4.62
N LEU A 193 -8.09 4.16 -5.58
CA LEU A 193 -8.11 4.62 -6.90
C LEU A 193 -9.48 5.22 -7.13
N UNK A 194 -10.45 4.44 -6.68
CA UNK A 194 -11.89 4.71 -6.84
C UNK A 194 -12.37 5.94 -6.10
N UNK A 195 -12.34 5.92 -4.79
CA UNK A 195 -12.82 7.08 -4.02
C UNK A 195 -12.10 8.36 -4.51
N VAL A 196 -10.79 8.22 -4.69
CA VAL A 196 -9.92 9.34 -5.15
C VAL A 196 -10.37 9.80 -6.58
N ASN A 197 -10.86 8.88 -7.41
CA ASN A 197 -11.35 9.25 -8.80
C ASN A 197 -12.73 9.97 -8.77
N TYR A 198 -13.53 9.65 -7.80
CA TYR A 198 -14.87 10.23 -7.67
C TYR A 198 -14.79 11.75 -7.38
N THR A 199 -13.73 12.15 -6.67
CA THR A 199 -13.55 13.58 -6.30
C THR A 199 -12.62 14.32 -7.30
N ASP A 200 -11.80 13.54 -7.99
CA ASP A 200 -10.78 14.12 -9.00
C ASP A 200 -10.66 13.25 -10.27
N ALA A 201 -11.39 13.69 -11.26
CA ALA A 201 -11.49 13.05 -12.56
C ALA A 201 -10.09 12.74 -13.19
N UNK A 202 -9.11 13.52 -12.83
CA UNK A 202 -7.70 13.35 -13.41
C UNK A 202 -6.91 12.17 -12.80
N ILE A 203 -7.52 11.48 -11.85
CA ILE A 203 -6.83 10.34 -11.14
C ILE A 203 -6.56 9.20 -12.15
N LYS A 204 -5.30 8.77 -12.15
CA LYS A 204 -4.80 7.76 -13.09
C LYS A 204 -4.37 6.46 -12.36
N MET A 205 -4.18 6.57 -11.07
CA MET A 205 -3.74 5.45 -10.26
C MET A 205 -4.02 5.68 -8.78
N GLY A 206 -4.10 4.56 -8.11
CA GLY A 206 -4.26 4.45 -6.70
C GLY A 206 -3.06 3.60 -6.21
N ILE A 207 -2.22 4.24 -5.41
CA ILE A 207 -0.97 3.61 -4.79
C ILE A 207 -0.84 3.73 -3.27
N ILE A 208 -0.33 2.69 -2.65
CA ILE A 208 -0.08 2.74 -1.23
C ILE A 208 1.41 2.58 -0.96
N PHE A 209 1.91 3.52 -0.19
CA PHE A 209 3.29 3.52 0.26
C PHE A 209 3.27 3.44 1.80
N GLY A 210 3.00 2.26 2.31
CA GLY A 210 2.95 2.00 3.79
C GLY A 210 3.89 0.85 4.12
N SER A 211 3.44 -0.05 5.00
CA SER A 211 4.29 -1.25 5.34
C SER A 211 4.52 -2.03 4.06
N GLY A 212 3.44 -2.15 3.32
CA GLY A 212 3.42 -2.81 2.03
C GLY A 212 3.24 -1.74 1.01
N VAL A 213 3.48 -2.11 -0.22
CA VAL A 213 3.36 -1.22 -1.33
C VAL A 213 2.65 -1.97 -2.47
N ASN A 214 1.78 -1.23 -3.10
CA ASN A 214 0.96 -1.71 -4.16
C ASN A 214 0.28 -0.50 -4.82
N ALA A 215 -0.32 -0.78 -5.96
CA ALA A 215 -1.06 0.24 -6.76
C ALA A 215 -2.17 -0.41 -7.57
N ALA A 216 -3.07 0.45 -7.98
CA ALA A 216 -4.23 0.09 -8.80
C ALA A 216 -4.42 1.15 -9.87
N TYR A 217 -4.98 0.74 -10.97
CA TYR A 217 -5.23 1.62 -12.10
C TYR A 217 -6.33 1.00 -12.92
N TRP A 218 -6.75 1.67 -13.96
CA TRP A 218 -7.78 1.08 -14.84
C TRP A 218 -7.19 0.63 -16.14
N CYS A 219 -7.42 -0.61 -16.46
CA CYS A 219 -6.99 -1.14 -17.74
C CYS A 219 -8.24 -1.28 -18.56
N ASP A 220 -8.25 -2.01 -19.60
CA ASP A 220 -9.51 -2.16 -20.29
C ASP A 220 -9.58 -3.66 -20.72
N SER A 221 -10.75 -4.19 -20.46
CA SER A 221 -11.10 -5.62 -20.58
C SER A 221 -10.57 -6.36 -21.88
N THR A 222 -10.36 -5.63 -22.91
CA THR A 222 -9.92 -6.17 -24.22
C THR A 222 -8.34 -6.29 -24.28
N UNK A 223 -7.69 -5.67 -23.35
CA UNK A 223 -6.24 -5.68 -23.29
C UNK A 223 -5.80 -6.63 -22.19
N ILE A 224 -6.77 -7.45 -21.75
CA ILE A 224 -6.52 -8.36 -20.67
C ILE A 224 -6.38 -9.88 -21.17
N GLY A 225 -6.66 -10.79 -20.29
CA GLY A 225 -6.56 -12.34 -20.54
C GLY A 225 -7.48 -13.00 -19.48
N ASP A 226 -8.68 -12.58 -19.65
CA ASP A 226 -9.76 -12.79 -18.88
C ASP A 226 -10.86 -12.78 -19.89
N ALA A 227 -10.38 -12.47 -21.10
CA ALA A 227 -11.19 -12.41 -22.29
C ALA A 227 -11.52 -13.79 -22.72
N ALA A 228 -12.68 -14.18 -22.26
CA ALA A 228 -13.21 -15.45 -22.50
C ALA A 228 -14.48 -15.58 -21.71
N ASP A 229 -14.74 -14.57 -20.89
CA ASP A 229 -15.94 -14.54 -20.03
C ASP A 229 -16.44 -13.12 -19.91
N GLY A 230 -17.68 -12.88 -20.33
CA GLY A 230 -18.24 -11.45 -20.17
C GLY A 230 -19.68 -11.31 -20.76
N GLY A 231 -19.76 -10.50 -21.82
CA GLY A 231 -21.03 -10.38 -22.62
C GLY A 231 -21.80 -9.03 -22.50
N UNK A 232 -21.94 -8.61 -21.30
CA UNK A 232 -22.67 -7.44 -20.92
C UNK A 232 -21.70 -6.31 -20.70
N UNK A 233 -20.43 -6.72 -20.76
CA UNK A 233 -19.33 -5.83 -20.59
C UNK A 233 -19.00 -5.21 -21.91
N GLY A 234 -19.21 -3.91 -21.84
CA GLY A 234 -19.01 -2.90 -22.89
C GLY A 234 -18.11 -3.35 -23.99
N GLY A 235 -17.71 -4.59 -23.85
CA GLY A 235 -16.88 -5.33 -24.82
C GLY A 235 -15.50 -4.72 -25.05
N ALA A 236 -15.10 -3.86 -24.14
CA ALA A 236 -13.85 -3.18 -24.24
C ALA A 236 -13.91 -1.79 -23.63
N GLY A 237 -14.06 -1.78 -22.29
CA GLY A 237 -14.06 -0.61 -21.58
C GLY A 237 -14.23 -0.77 -20.10
N UNK A 238 -13.17 -0.27 -19.45
CA UNK A 238 -13.09 0.03 -18.01
C UNK A 238 -12.89 -1.08 -16.95
N MET A 239 -11.67 -1.60 -16.82
CA MET A 239 -11.41 -2.64 -15.77
C MET A 239 -10.23 -2.24 -14.82
N UNK A 240 -10.62 -2.07 -13.56
CA UNK A 240 -9.71 -1.73 -12.44
C UNK A 240 -8.95 -2.98 -12.01
N ILE A 241 -7.64 -2.80 -11.86
CA ILE A 241 -6.76 -3.88 -11.50
C ILE A 241 -5.96 -3.61 -10.19
N CYS A 242 -5.92 -4.68 -9.41
CA CYS A 242 -5.18 -4.75 -8.17
C CYS A 242 -3.84 -5.44 -8.55
N CYS A 243 -2.88 -4.65 -8.89
CA CYS A 243 -1.57 -5.12 -9.33
C CYS A 243 -0.94 -6.16 -8.37
N ASP A 244 -0.89 -5.77 -7.13
CA ASP A 244 -0.24 -6.49 -6.05
C ASP A 244 1.20 -6.80 -6.53
N GLN A 245 1.81 -5.68 -6.95
CA GLN A 245 3.21 -5.62 -7.52
C GLN A 245 4.32 -5.53 -6.48
N SER A 246 4.02 -5.82 -5.26
CA SER A 246 5.02 -5.78 -4.22
C SER A 246 5.94 -7.04 -4.41
N SER A 247 5.62 -7.79 -5.47
CA SER A 247 6.31 -9.07 -5.82
C SER A 247 7.17 -8.99 -7.09
N PHE A 248 7.21 -7.85 -7.71
CA PHE A 248 7.96 -7.69 -8.92
C PHE A 248 9.46 -7.92 -8.63
N ARG A 249 9.98 -8.69 -9.55
CA ARG A 249 11.40 -9.14 -9.69
C ARG A 249 11.88 -10.08 -8.56
N LYS A 250 11.03 -11.06 -8.23
CA LYS A 250 11.38 -12.09 -7.28
C LYS A 250 12.34 -13.02 -8.03
N ALA A 251 12.43 -12.69 -9.35
CA ALA A 251 13.33 -13.40 -10.31
C ALA A 251 14.74 -12.75 -10.28
N PHE A 252 14.76 -11.53 -9.89
CA PHE A 252 15.98 -10.76 -9.71
C PHE A 252 16.89 -10.50 -11.00
N PRO A 253 16.48 -10.56 -12.29
CA PRO A 253 17.22 -10.00 -13.39
C PRO A 253 17.43 -8.44 -13.25
N SER A 254 16.75 -7.67 -12.32
CA SER A 254 17.04 -6.18 -12.45
C SER A 254 16.91 -5.21 -11.20
N LEU A 255 16.48 -5.63 -10.04
CA LEU A 255 16.50 -4.63 -8.88
C LEU A 255 17.96 -4.53 -8.41
N PRO A 256 18.51 -3.33 -7.92
CA PRO A 256 19.88 -3.22 -7.49
C PRO A 256 19.95 -3.63 -6.07
N GLN A 257 19.72 -4.91 -5.90
CA GLN A 257 19.76 -5.60 -4.65
C GLN A 257 21.30 -5.63 -4.18
N ILE A 258 21.52 -4.89 -3.18
CA ILE A 258 22.85 -4.68 -2.40
C ILE A 258 22.98 -5.94 -1.46
N UNK A 259 24.11 -6.05 -0.74
CA UNK A 259 24.31 -7.23 0.21
C UNK A 259 23.38 -7.11 1.46
N TYR A 260 23.11 -5.88 1.83
CA TYR A 260 22.25 -5.56 2.97
C TYR A 260 20.82 -6.06 2.71
N LEU A 261 20.43 -5.92 1.44
CA LEU A 261 19.09 -6.32 0.98
C LEU A 261 18.97 -7.86 0.93
N UNK A 262 20.04 -8.53 0.53
CA UNK A 262 20.05 -10.01 0.48
C UNK A 262 19.80 -10.54 1.88
N THR A 263 20.56 -9.97 2.80
CA THR A 263 20.51 -10.32 4.20
C THR A 263 19.13 -10.20 4.75
N LEU A 264 18.52 -9.03 4.49
CA LEU A 264 17.14 -8.73 5.00
C LEU A 264 16.16 -9.81 4.46
N ASN A 265 16.37 -10.16 3.19
CA ASN A 265 15.56 -11.23 2.50
C ASN A 265 15.60 -12.51 3.32
N UNK A 266 16.82 -12.97 3.47
CA UNK A 266 17.17 -14.18 4.20
C UNK A 266 16.61 -14.27 5.56
N UNK A 267 16.67 -13.22 6.30
CA UNK A 267 16.23 -13.33 7.60
C UNK A 267 14.74 -13.21 7.66
N SER A 268 14.13 -12.91 6.54
CA SER A 268 12.68 -12.79 6.49
C SER A 268 12.04 -14.12 6.31
N PRO A 269 10.72 -14.27 6.67
CA PRO A 269 10.00 -15.51 6.38
C PRO A 269 10.16 -15.60 4.83
N UNK A 270 11.41 -15.67 4.56
CA UNK A 270 12.12 -15.68 3.28
C UNK A 270 11.38 -15.23 1.99
N ALA A 271 12.31 -15.41 1.09
CA ALA A 271 12.48 -15.25 -0.43
C ALA A 271 11.30 -14.60 -1.36
N UNK A 272 10.37 -13.89 -0.80
CA UNK A 272 9.21 -13.32 -1.59
C UNK A 272 9.10 -11.81 -1.47
N LYS A 273 8.09 -11.31 -2.20
CA LYS A 273 7.72 -9.83 -2.22
C LYS A 273 8.95 -8.94 -2.25
N THR A 274 9.76 -9.11 -3.27
CA THR A 274 11.04 -8.41 -3.33
C THR A 274 10.89 -6.95 -3.78
N PHE A 275 9.90 -6.59 -4.58
CA PHE A 275 9.78 -5.18 -4.89
C PHE A 275 9.42 -4.47 -3.55
N UNK A 276 8.57 -5.13 -2.75
CA UNK A 276 8.16 -4.54 -1.40
C UNK A 276 9.35 -4.40 -0.47
N LYS A 277 10.18 -5.42 -0.44
CA LYS A 277 11.34 -5.42 0.41
C LYS A 277 12.30 -4.33 0.01
N ASN A 278 12.32 -3.99 -1.29
CA ASN A 278 13.32 -2.95 -1.78
C ASN A 278 12.78 -1.52 -1.82
N SER A 279 11.54 -1.31 -1.47
CA SER A 279 11.00 0.06 -1.47
C SER A 279 10.07 0.31 -0.26
N UNK A 280 9.84 -0.72 0.53
CA UNK A 280 8.98 -0.58 1.75
C UNK A 280 9.80 0.10 2.81
N ALA A 281 9.28 1.15 3.39
CA ALA A 281 10.02 1.86 4.39
C ALA A 281 9.99 1.11 5.71
N LYS A 282 9.17 0.07 5.75
CA LYS A 282 9.03 -0.73 6.96
C LYS A 282 10.42 -1.34 7.33
N ASN A 283 11.22 -1.58 6.32
CA ASN A 283 12.55 -2.19 6.49
C ASN A 283 13.69 -1.19 6.48
N UNK A 284 13.43 0.10 6.51
CA UNK A 284 14.58 1.05 6.35
C UNK A 284 15.48 1.21 7.63
N GLY A 285 14.95 0.91 8.80
CA GLY A 285 15.75 1.02 10.05
C GLY A 285 16.73 -0.19 10.17
N GLN A 286 16.27 -1.31 9.63
CA GLN A 286 17.05 -2.59 9.63
C GLN A 286 18.16 -2.55 8.57
N SER A 287 17.94 -1.75 7.54
CA SER A 287 18.94 -1.60 6.51
C SER A 287 20.03 -0.63 7.05
N LEU A 288 19.58 0.27 7.89
CA LEU A 288 20.42 1.29 8.55
C LEU A 288 21.34 0.60 9.59
N ARG A 289 20.70 -0.28 10.33
CA ARG A 289 21.32 -1.09 11.43
C ARG A 289 22.46 -1.97 10.93
N ASP A 290 22.24 -2.53 9.75
CA ASP A 290 23.20 -3.46 9.11
C ASP A 290 24.48 -2.75 8.72
N VAL A 291 24.37 -1.59 8.09
CA VAL A 291 25.61 -0.84 7.68
C VAL A 291 26.35 -0.30 8.88
N LEU A 292 25.59 0.07 9.88
CA LEU A 292 26.13 0.59 11.09
C LEU A 292 26.98 -0.53 11.75
N MET A 293 26.34 -1.65 11.97
CA MET A 293 26.98 -2.85 12.56
C MET A 293 28.24 -3.28 11.75
N UNK A 294 28.16 -3.05 10.47
CA UNK A 294 29.19 -3.40 9.51
C UNK A 294 30.42 -2.50 9.70
N PHE A 295 30.16 -1.28 10.17
CA PHE A 295 31.27 -0.29 10.37
C PHE A 295 31.89 -0.39 11.78
N LYS A 296 31.14 -0.98 12.67
CA LYS A 296 31.54 -1.19 14.04
C LYS A 296 32.58 -2.29 14.04
N UNK A 297 32.19 -3.31 13.30
CA UNK A 297 32.97 -4.54 13.12
C UNK A 297 34.30 -4.25 12.44
N UNK A 298 34.26 -3.33 11.47
CA UNK A 298 35.48 -2.93 10.70
C UNK A 298 36.26 -1.87 11.51
N GLY A 299 35.74 -1.67 12.71
CA GLY A 299 36.29 -0.79 13.75
C GLY A 299 36.33 0.70 13.39
N GLN A 300 35.36 1.16 12.63
CA GLN A 300 35.39 2.57 12.25
C GLN A 300 34.47 3.42 13.14
N UNK A 301 33.55 2.80 13.83
CA UNK A 301 32.67 3.58 14.67
C UNK A 301 32.24 2.79 15.87
N HIS A 302 31.76 3.56 16.85
CA HIS A 302 31.25 3.03 18.06
C HIS A 302 32.36 2.36 18.85
N UNK A 303 33.55 2.91 18.64
CA UNK A 303 34.80 2.45 19.30
C UNK A 303 34.54 2.37 20.82
N UNK A 304 34.74 1.20 21.34
CA UNK A 304 34.49 0.92 22.67
C UNK A 304 32.96 0.58 22.72
N UNK A 305 32.16 1.58 22.92
CA UNK A 305 30.62 1.46 23.01
C UNK A 305 30.08 0.00 23.17
N ALA A 306 28.93 -0.12 23.88
CA ALA A 306 28.24 -1.50 24.07
C ALA A 306 27.01 -1.59 23.10
N UNK A 307 26.70 -2.82 22.67
CA UNK A 307 25.66 -3.01 21.66
C UNK A 307 24.50 -3.93 22.10
N SER A 308 23.37 -3.24 22.07
CA SER A 308 22.02 -3.71 22.37
C SER A 308 21.23 -3.37 21.07
N PHE A 309 22.07 -2.92 20.17
CA PHE A 309 21.80 -2.48 18.87
C PHE A 309 21.83 -3.66 17.93
N UNK A 310 22.61 -4.69 18.29
CA UNK A 310 22.74 -5.85 17.39
C UNK A 310 21.55 -6.85 17.56
N ALA A 311 20.37 -6.27 17.52
CA ALA A 311 19.12 -6.99 17.63
C ALA A 311 18.26 -6.69 16.41
N ALA A 312 18.22 -7.70 15.56
CA ALA A 312 17.46 -7.69 14.33
C ALA A 312 16.12 -6.89 14.52
N ASN A 313 15.94 -5.98 13.61
CA ASN A 313 14.78 -5.06 13.52
C ASN A 313 14.49 -4.32 14.83
N VAL A 314 15.59 -3.90 15.52
CA VAL A 314 15.41 -3.03 16.80
C VAL A 314 15.03 -1.63 16.45
N GLU A 315 15.52 -1.24 15.30
CA GLU A 315 15.28 0.06 14.75
C GLU A 315 14.15 -0.03 13.73
N ASN A 316 13.05 0.59 14.04
CA ASN A 316 11.92 0.61 13.16
C ASN A 316 12.13 1.78 12.13
N THR A 317 11.08 2.11 11.43
CA THR A 317 11.11 3.16 10.40
C THR A 317 11.29 4.55 10.99
N SER A 318 10.92 4.68 12.24
CA SER A 318 10.96 5.97 12.90
C SER A 318 12.37 6.42 13.27
N TYR A 319 13.31 5.51 13.20
CA TYR A 319 14.65 5.85 13.56
C TYR A 319 15.30 6.71 12.45
N PRO A 320 15.45 6.25 11.15
CA PRO A 320 16.05 7.11 10.09
C PRO A 320 15.20 8.37 9.84
N ALA A 321 13.91 8.22 10.05
CA ALA A 321 12.92 9.31 9.88
C ALA A 321 13.30 10.48 10.78
N LYS A 322 13.50 10.12 12.05
CA LYS A 322 13.86 11.05 13.11
C LYS A 322 15.26 11.63 12.86
N ILE A 323 16.16 10.76 12.41
CA ILE A 323 17.56 11.18 12.10
C ILE A 323 17.54 12.16 10.91
N GLN A 324 16.63 11.95 9.98
CA GLN A 324 16.51 12.82 8.82
C GLN A 324 15.86 14.16 9.21
N LYS A 325 14.98 14.12 10.19
CA LYS A 325 14.25 15.34 10.61
C LYS A 325 15.14 16.19 11.56
N LEU A 326 16.22 15.58 12.04
CA LEU A 326 17.23 16.28 12.98
C LEU A 326 17.49 17.70 12.42
N PRO A 327 17.00 18.77 13.04
CA PRO A 327 17.11 20.11 12.51
C PRO A 327 18.39 20.88 12.60
N HIS A 328 19.20 20.68 13.59
CA HIS A 328 20.24 21.66 13.75
C HIS A 328 21.59 21.44 13.22
N PHE A 329 22.32 20.36 13.38
CA PHE A 329 23.67 20.58 12.82
C PHE A 329 24.72 19.74 13.48
N ASP A 330 24.64 19.73 14.79
CA ASP A 330 25.50 18.95 15.61
C ASP A 330 24.72 17.70 15.92
N LEU A 331 23.64 17.62 15.12
CA LEU A 331 22.66 16.52 15.13
C LEU A 331 22.36 16.02 16.63
N ARG A 332 21.99 16.94 17.40
CA ARG A 332 21.66 16.84 18.80
C ARG A 332 20.54 15.76 19.03
N UNK A 333 19.60 15.68 18.11
CA UNK A 333 18.46 14.74 18.26
C UNK A 333 18.90 13.24 18.06
N UNK A 334 19.85 13.01 17.16
CA UNK A 334 20.37 11.59 16.89
C UNK A 334 21.20 11.11 18.09
N UNK A 335 22.04 12.00 18.58
CA UNK A 335 22.89 11.71 19.73
C UNK A 335 22.01 11.31 20.90
N ASP A 336 20.89 12.02 21.02
CA ASP A 336 19.93 11.76 22.12
C ASP A 336 19.35 10.35 22.02
N LEU A 337 19.05 10.03 20.81
CA LEU A 337 18.45 8.77 20.36
C LEU A 337 19.36 7.58 20.56
N PHE A 338 20.53 7.65 19.92
CA PHE A 338 21.49 6.56 20.00
C PHE A 338 21.82 6.35 21.45
N UNK A 339 22.28 7.42 22.08
CA UNK A 339 22.56 7.38 23.50
C UNK A 339 21.56 6.43 24.10
N GLY A 340 20.98 6.90 25.18
CA GLY A 340 19.99 6.18 25.89
C GLY A 340 18.79 6.01 24.99
N ASP A 341 18.85 4.83 24.44
CA ASP A 341 17.93 4.17 23.53
C ASP A 341 18.63 2.88 23.23
N GLN A 342 19.93 3.09 22.94
CA GLN A 342 20.89 2.03 22.70
C GLN A 342 22.04 2.13 23.70
N GLY A 343 22.13 3.31 24.31
CA GLY A 343 23.14 3.59 25.33
C GLY A 343 24.55 3.73 24.67
N ILE A 344 24.53 4.19 23.47
CA ILE A 344 25.72 4.44 22.69
C ILE A 344 26.06 5.96 22.79
N ALA A 345 27.31 6.25 22.72
CA ALA A 345 27.77 7.63 22.69
C ALA A 345 28.63 7.70 21.40
N UNK A 346 28.17 8.53 20.53
CA UNK A 346 28.75 8.76 19.27
C UNK A 346 29.29 10.16 19.27
N LYS A 347 30.28 10.43 18.43
CA LYS A 347 30.75 11.79 18.30
C LYS A 347 29.95 12.36 17.12
N THR A 348 30.14 13.60 16.84
CA THR A 348 29.42 14.31 15.75
C THR A 348 29.84 13.84 14.36
N UNK A 349 31.04 13.32 14.26
CA UNK A 349 31.58 12.83 12.95
C UNK A 349 30.85 11.53 12.54
N MET A 350 30.53 10.73 13.55
CA MET A 350 29.74 9.48 13.39
C MET A 350 28.33 9.85 12.96
N LYS A 351 27.75 10.75 13.78
CA LYS A 351 26.39 11.26 13.58
C LYS A 351 26.22 11.75 12.15
N UNK A 352 27.32 12.24 11.61
CA UNK A 352 27.38 12.71 10.24
C UNK A 352 27.22 11.55 9.28
N VAL A 353 27.80 10.42 9.66
CA VAL A 353 27.74 9.24 8.83
C VAL A 353 26.37 8.61 8.97
N VAL A 354 25.87 8.60 10.18
CA VAL A 354 24.59 8.02 10.46
C VAL A 354 23.52 8.77 9.64
N ARG A 355 23.62 10.10 9.67
CA ARG A 355 22.67 10.99 8.92
C ARG A 355 22.79 10.83 7.41
N ARG A 356 24.00 10.88 6.91
CA ARG A 356 24.21 10.78 5.46
C ARG A 356 23.66 9.44 4.96
N UNK A 357 23.82 8.43 5.82
CA UNK A 357 23.36 7.01 5.55
C UNK A 357 21.80 6.96 5.52
N LEU A 358 21.18 7.59 6.50
CA LEU A 358 19.68 7.69 6.56
C LEU A 358 19.17 8.34 5.28
N PHE A 359 19.98 9.29 4.85
CA PHE A 359 19.76 10.10 3.64
C PHE A 359 19.64 9.23 2.40
N LEU A 360 20.67 8.43 2.19
CA LEU A 360 20.74 7.53 1.05
C LEU A 360 19.63 6.53 1.04
N ILE A 361 19.43 5.96 2.19
CA ILE A 361 18.51 4.90 2.38
C ILE A 361 17.08 5.38 2.11
N ALA A 362 16.78 6.61 2.50
CA ALA A 362 15.41 7.20 2.30
C ALA A 362 15.14 7.53 0.84
N ALA A 363 16.07 8.22 0.25
CA ALA A 363 15.97 8.62 -1.10
C ALA A 363 15.87 7.45 -2.02
N TYR A 364 16.51 6.32 -1.71
CA TYR A 364 16.45 5.23 -2.72
C TYR A 364 15.14 4.44 -2.60
N ALA A 365 14.58 4.34 -1.42
CA ALA A 365 13.27 3.68 -1.26
C ALA A 365 12.25 4.54 -2.03
N PHE A 366 12.40 5.89 -1.82
CA PHE A 366 11.50 6.89 -2.51
C PHE A 366 11.64 6.83 -4.03
N ARG A 367 12.88 6.66 -4.51
CA ARG A 367 13.12 6.60 -6.00
C ARG A 367 12.61 5.28 -6.59
N LEU A 368 13.08 4.17 -6.07
CA LEU A 368 12.64 2.87 -6.57
C LEU A 368 11.12 2.69 -6.49
N VAL A 369 10.56 3.29 -5.46
CA VAL A 369 9.18 3.14 -5.11
C VAL A 369 8.24 3.66 -6.27
N VAL A 370 8.69 4.63 -7.04
CA VAL A 370 7.83 5.17 -8.19
C VAL A 370 8.03 4.42 -9.54
N CYS A 371 8.89 3.45 -9.57
CA CYS A 371 9.15 2.73 -10.81
C CYS A 371 7.94 1.97 -11.32
N UNK A 372 7.02 1.63 -10.46
CA UNK A 372 5.91 0.86 -10.93
C UNK A 372 4.75 1.82 -11.27
N ILE A 373 4.91 3.08 -10.87
CA ILE A 373 3.91 4.10 -11.22
C ILE A 373 4.13 4.51 -12.68
N UNK A 374 5.39 4.85 -12.97
CA UNK A 374 5.78 5.31 -14.37
C UNK A 374 5.64 4.21 -15.43
N ALA A 375 5.65 2.98 -14.92
CA ALA A 375 5.52 1.74 -15.77
C ALA A 375 4.08 1.60 -16.29
N ILE A 376 3.14 1.95 -15.40
CA ILE A 376 1.71 1.94 -15.69
C ILE A 376 1.34 3.01 -16.70
N CYS A 377 1.83 4.22 -16.41
CA CYS A 377 1.56 5.37 -17.25
C CYS A 377 2.14 5.11 -18.63
N GLN A 378 3.26 4.44 -18.70
CA GLN A 378 3.81 4.16 -19.94
C GLN A 378 2.97 3.08 -20.60
N LYS A 379 2.76 1.98 -19.93
CA LYS A 379 2.06 0.88 -20.55
C LYS A 379 0.66 1.32 -20.99
N LYS A 380 0.00 2.12 -20.16
CA LYS A 380 -1.39 2.55 -20.46
C LYS A 380 -1.40 3.87 -21.28
N GLY A 381 -0.24 4.44 -21.43
CA GLY A 381 -0.04 5.67 -22.25
C GLY A 381 -0.56 6.99 -21.57
N TYR A 382 -0.55 7.04 -20.27
CA TYR A 382 -0.98 8.27 -19.52
C TYR A 382 0.18 9.27 -19.55
N SER A 383 0.04 10.31 -20.36
CA SER A 383 1.13 11.33 -20.53
C SER A 383 1.07 12.38 -19.38
N SER A 384 -0.09 12.54 -18.86
CA SER A 384 -0.34 13.38 -17.74
C SER A 384 -1.42 12.69 -16.91
N GLY A 385 -1.52 13.09 -15.67
CA GLY A 385 -2.52 12.55 -14.74
C GLY A 385 -2.11 12.80 -13.30
N HIS A 386 -2.95 12.38 -12.40
CA HIS A 386 -2.71 12.47 -10.99
C HIS A 386 -2.57 11.07 -10.42
N ILE A 387 -1.59 10.90 -9.58
CA ILE A 387 -1.36 9.68 -8.86
C ILE A 387 -1.80 9.93 -7.44
N ALA A 388 -2.87 9.32 -7.02
CA ALA A 388 -3.33 9.51 -5.62
C ALA A 388 -2.64 8.47 -4.72
N ALA A 389 -1.81 9.01 -3.85
CA ALA A 389 -0.99 8.25 -2.91
C ALA A 389 -1.49 8.28 -1.48
N UNK A 390 -1.41 7.12 -0.87
CA UNK A 390 -1.72 6.94 0.54
C UNK A 390 -0.58 6.09 1.14
N GLY A 391 -0.60 5.97 2.43
CA GLY A 391 0.41 5.19 3.17
C GLY A 391 1.09 6.06 4.22
N SER A 392 1.68 5.36 5.17
CA SER A 392 2.41 5.95 6.30
C SER A 392 3.69 6.63 5.85
N UNK A 393 4.29 6.07 4.79
CA UNK A 393 5.54 6.62 4.27
C UNK A 393 5.32 7.99 3.69
N ARG A 394 4.09 8.42 3.59
CA ARG A 394 3.89 9.73 3.21
C ARG A 394 3.30 10.40 4.55
N SER A 395 4.34 10.69 5.29
CA SER A 395 4.47 11.36 6.57
C SER A 395 5.80 10.81 7.15
N TYR A 396 6.67 10.62 6.13
CA TYR A 396 8.13 10.21 6.23
C TYR A 396 8.98 11.37 5.61
N SER A 397 9.96 11.80 6.34
CA SER A 397 10.86 12.93 5.99
C SER A 397 11.28 12.93 4.43
N GLY A 398 10.83 13.98 3.78
CA GLY A 398 11.10 14.32 2.34
C GLY A 398 10.72 13.17 1.29
N PHE A 399 9.98 12.17 1.68
CA PHE A 399 9.59 11.08 0.69
C PHE A 399 8.85 11.65 -0.56
N SER A 400 7.87 12.50 -0.29
CA SER A 400 7.02 13.13 -1.35
C SER A 400 7.83 13.80 -2.44
N UNK A 401 8.79 14.59 -2.03
CA UNK A 401 9.62 15.36 -2.99
C UNK A 401 10.57 14.45 -3.76
N ASN A 402 11.03 13.44 -3.05
CA ASN A 402 11.99 12.46 -3.56
C ASN A 402 11.44 11.67 -4.76
N SER A 403 10.31 11.04 -4.59
CA SER A 403 9.68 10.22 -5.67
C SER A 403 9.28 11.13 -6.84
N ALA A 404 8.86 12.32 -6.47
CA ALA A 404 8.48 13.32 -7.40
C ALA A 404 9.59 13.58 -8.36
N THR A 405 10.78 13.87 -7.85
CA THR A 405 11.83 14.19 -8.76
C THR A 405 12.44 12.92 -9.35
N UNK A 406 12.17 11.78 -8.72
CA UNK A 406 12.66 10.49 -9.28
C UNK A 406 11.99 10.31 -10.64
N ASN A 407 10.72 10.68 -10.60
CA ASN A 407 9.76 10.67 -11.76
C ASN A 407 10.25 11.66 -12.85
N UNK A 408 10.62 12.86 -12.43
CA UNK A 408 11.16 13.87 -13.35
C UNK A 408 12.41 13.27 -14.05
N ASN A 409 13.07 12.39 -13.31
CA ASN A 409 14.33 11.68 -13.74
C ASN A 409 14.07 10.63 -14.82
N ILE A 410 13.14 9.77 -14.53
CA ILE A 410 12.79 8.71 -15.38
C ILE A 410 12.29 9.22 -16.72
N TYR A 411 11.42 10.21 -16.60
CA TYR A 411 10.74 10.81 -17.77
C TYR A 411 11.61 11.88 -18.48
N GLY A 412 12.21 12.75 -17.71
CA GLY A 412 13.11 13.77 -18.30
C GLY A 412 12.58 15.24 -18.24
N TRP A 413 11.49 15.44 -17.64
CA TRP A 413 10.92 16.70 -17.51
C TRP A 413 11.97 17.76 -17.07
N PRO A 414 12.14 18.91 -17.80
CA PRO A 414 12.90 20.03 -17.37
C PRO A 414 11.82 20.97 -16.84
N GLN A 415 11.60 20.92 -15.57
CA GLN A 415 10.57 21.77 -14.88
C GLN A 415 11.04 22.00 -13.50
N SER A 416 10.91 23.24 -13.10
CA SER A 416 11.37 23.66 -11.82
C SER A 416 10.60 23.07 -10.69
N ALA A 417 9.36 23.48 -10.53
CA ALA A 417 8.56 23.04 -9.36
C ALA A 417 7.65 21.85 -9.66
N UNK A 418 7.46 21.06 -8.61
CA UNK A 418 6.65 19.85 -8.71
C UNK A 418 5.29 20.12 -9.28
N UNK A 419 4.65 21.13 -8.76
CA UNK A 419 3.30 21.46 -9.16
C UNK A 419 3.18 21.61 -10.66
N SER A 420 4.27 21.88 -11.31
CA SER A 420 4.24 22.07 -12.76
C SER A 420 4.49 20.80 -13.54
N LYS A 421 4.80 19.72 -12.81
CA LYS A 421 5.14 18.39 -13.49
C LYS A 421 3.90 17.75 -14.11
N PRO A 422 4.05 17.17 -15.33
CA PRO A 422 2.92 16.57 -16.12
C PRO A 422 2.09 15.57 -15.29
N ILE A 423 2.78 14.66 -14.64
CA ILE A 423 2.12 13.64 -13.72
C ILE A 423 2.51 13.99 -12.30
N UNK A 424 1.52 14.23 -11.49
CA UNK A 424 1.73 14.64 -10.12
C UNK A 424 1.15 13.67 -9.14
N ILE A 425 1.93 13.43 -8.09
CA ILE A 425 1.50 12.60 -7.01
C ILE A 425 0.81 13.53 -6.01
N THR A 426 -0.43 13.28 -5.76
CA THR A 426 -1.19 14.07 -4.81
C THR A 426 -1.72 13.13 -3.75
N PRO A 427 -2.23 13.60 -2.61
CA PRO A 427 -2.78 12.74 -1.57
C PRO A 427 -4.14 12.17 -2.01
N ALA A 428 -4.32 10.91 -1.73
CA ALA A 428 -5.59 10.19 -2.08
C ALA A 428 -6.69 10.57 -1.18
N ILE A 429 -7.92 10.15 -1.55
CA ILE A 429 -8.97 10.33 -0.61
C ILE A 429 -8.99 8.95 0.10
N ASP A 430 -9.69 8.85 1.19
CA ASP A 430 -9.69 7.55 2.02
C ASP A 430 -10.02 6.29 1.18
N GLY A 431 -9.00 5.44 1.06
CA GLY A 431 -9.09 4.18 0.26
C GLY A 431 -10.00 3.09 0.98
N UNK A 432 -9.56 2.77 2.14
CA UNK A 432 -10.14 1.79 3.02
C UNK A 432 -11.64 2.06 3.35
N GLY A 433 -11.96 3.32 3.48
CA GLY A 433 -13.33 3.74 3.92
C GLY A 433 -14.27 4.17 2.77
N ALA A 434 -14.06 5.38 2.32
CA ALA A 434 -14.89 6.01 1.27
C ALA A 434 -14.80 5.29 -0.10
N ALA A 435 -13.60 4.96 -0.47
CA ALA A 435 -13.33 4.29 -1.74
C ALA A 435 -14.21 2.99 -1.82
N SER A 436 -14.31 2.35 -0.66
CA SER A 436 -15.10 1.08 -0.44
C SER A 436 -16.63 1.34 -0.42
N UNK A 437 -16.98 2.58 -0.11
CA UNK A 437 -18.39 3.00 -0.11
C UNK A 437 -18.74 3.41 -1.56
N VAL A 438 -17.81 4.10 -2.22
CA VAL A 438 -18.05 4.50 -3.63
C VAL A 438 -18.12 3.26 -4.53
N ILE A 439 -17.48 2.15 -4.10
CA ILE A 439 -17.50 0.91 -4.95
C ILE A 439 -18.74 0.07 -4.69
N UNK A 440 -19.40 0.35 -3.60
CA UNK A 440 -20.63 -0.36 -3.28
C UNK A 440 -21.76 0.23 -4.08
N SER A 441 -21.71 1.54 -4.24
CA SER A 441 -22.73 2.30 -4.96
C SER A 441 -22.67 1.92 -6.44
N ILE A 442 -21.44 1.73 -6.90
CA ILE A 442 -21.17 1.31 -8.28
C ILE A 442 -21.74 -0.13 -8.46
N ALA A 443 -21.30 -0.97 -7.55
CA ALA A 443 -21.69 -2.39 -7.46
C ALA A 443 -23.20 -2.52 -7.49
N SER A 444 -23.77 -2.16 -6.35
CA SER A 444 -25.17 -2.18 -6.10
C SER A 444 -25.95 -1.86 -7.37
N ALA A 445 -25.66 -0.76 -8.04
CA ALA A 445 -26.43 -0.46 -9.24
C ALA A 445 -26.28 -1.61 -10.22
N UNK A 446 -25.03 -1.97 -10.55
CA UNK A 446 -24.81 -3.09 -11.53
C UNK A 446 -25.74 -4.26 -11.16
N UNK A 447 -25.77 -4.61 -9.87
CA UNK A 447 -26.66 -5.68 -9.42
C UNK A 447 -28.10 -5.26 -9.81
N SER A 448 -28.54 -4.19 -9.20
CA SER A 448 -29.88 -3.62 -9.44
C SER A 448 -30.39 -3.86 -10.85
N UNK A 449 -29.85 -3.07 -11.72
CA UNK A 449 -30.17 -3.02 -13.11
C UNK A 449 -29.53 -4.25 -13.80
N ALA A 450 -29.13 -5.14 -12.91
CA ALA A 450 -28.44 -6.46 -13.23
C ALA A 450 -27.59 -6.40 -14.48
N UNK A 451 -26.46 -5.70 -14.42
CA UNK A 451 -25.66 -5.63 -15.61
C UNK A 451 -24.58 -6.73 -15.60
N UNK A 452 -24.20 -7.16 -14.42
CA UNK A 452 -23.18 -8.28 -14.30
C UNK A 452 -21.89 -7.73 -13.64
N SER A 453 -21.39 -8.55 -12.70
CA SER A 453 -20.27 -8.19 -11.81
C SER A 453 -19.09 -9.14 -11.78
N ALA A 454 -18.88 -9.90 -12.82
CA ALA A 454 -17.75 -10.83 -12.79
C ALA A 454 -17.69 -11.72 -14.00
N UNK A 455 -16.92 -12.78 -13.84
CA UNK A 455 -16.71 -13.68 -14.89
C UNK A 455 -17.92 -14.63 -15.01
N UNK A 456 -18.39 -14.71 -16.23
CA UNK A 456 -19.52 -15.58 -16.62
C UNK A 456 -19.51 -16.88 -15.83
N ALA A 457 -20.60 -17.24 -15.23
CA ALA A 457 -20.61 -18.53 -14.53
C ALA A 457 -21.65 -19.45 -15.21
C1 OTG B . 0.70 -5.31 0.80
O1 OTG B . 1.43 -5.07 -0.40
C2 OTG B . -0.50 -6.22 0.51
N2 OTG B . -0.01 -7.51 -0.03
C3 OTG B . -1.43 -5.56 -0.51
O3 OTG B . -2.63 -6.33 -0.65
C4 OTG B . -1.78 -4.14 -0.05
O4 OTG B . -2.50 -3.46 -1.08
C5 OTG B . -0.50 -3.37 0.29
O5 OTG B . 0.22 -4.05 1.32
C6 OTG B . -0.85 -1.95 0.77
O6 OTG B . -1.63 -2.03 1.97
C1' OTG B . 0.67 -10.91 0.01
C2' OTG B . -0.35 -9.94 -0.09
C3' OTG B . -1.33 -10.07 -1.07
C4' OTG B . -1.12 -10.95 -2.14
C5' OTG B . -0.04 -11.83 -2.10
C6' OTG B . 0.73 -11.93 -0.94
C7' OTG B . 1.88 -10.64 0.91
C8' OTG B . -0.19 -8.62 0.66
O8' OTG B . -0.46 -8.57 1.86
#